data_2NZ3
#
_entry.id   2NZ3
#
_entity_poly.entity_id   1
_entity_poly.type   'polypeptide(L)'
_entity_poly.pdbx_seq_one_letter_code
;ATCDLASIFNVNHALCAAHCIARRYRGGYCNSKAVCVCRN
;
_entity_poly.pdbx_strand_id   A
#
# COMPACT_ATOMS: atom_id res chain seq x y z
N ALA A 1 7.62 -5.19 -3.06
CA ALA A 1 6.94 -4.06 -3.72
C ALA A 1 5.44 -4.30 -3.80
N THR A 2 5.05 -5.53 -4.08
CA THR A 2 3.64 -5.87 -4.17
C THR A 2 2.99 -5.82 -2.79
N CYS A 3 3.45 -6.66 -1.88
CA CYS A 3 2.92 -6.68 -0.52
C CYS A 3 3.67 -7.74 0.30
N ASP A 4 2.93 -8.46 1.14
CA ASP A 4 3.52 -9.50 1.98
C ASP A 4 2.41 -10.40 2.53
N LEU A 5 1.48 -10.75 1.65
CA LEU A 5 0.33 -11.61 1.97
C LEU A 5 -0.68 -10.92 2.90
N ALA A 6 -0.19 -10.43 4.03
CA ALA A 6 -1.01 -9.77 5.03
C ALA A 6 -1.98 -10.75 5.65
N SER A 7 -3.09 -10.97 4.95
CA SER A 7 -4.13 -11.89 5.37
C SER A 7 -5.34 -11.71 4.47
N ILE A 8 -6.42 -11.22 5.04
CA ILE A 8 -7.65 -10.99 4.27
C ILE A 8 -7.79 -9.50 4.00
N PHE A 9 -6.66 -8.89 3.70
CA PHE A 9 -6.58 -7.47 3.40
C PHE A 9 -5.25 -7.18 2.72
N ASN A 10 -4.80 -8.13 1.90
CA ASN A 10 -3.54 -8.00 1.16
C ASN A 10 -3.55 -6.76 0.28
N VAL A 11 -4.76 -6.31 -0.07
CA VAL A 11 -4.96 -5.14 -0.89
C VAL A 11 -4.44 -3.86 -0.22
N ASN A 12 -3.96 -3.98 1.03
CA ASN A 12 -3.44 -2.85 1.79
C ASN A 12 -2.10 -2.36 1.21
N HIS A 13 -2.14 -1.97 -0.05
CA HIS A 13 -0.99 -1.45 -0.76
C HIS A 13 -1.45 -0.66 -1.97
N ALA A 14 -2.50 -1.15 -2.64
CA ALA A 14 -3.03 -0.48 -3.81
C ALA A 14 -3.88 0.73 -3.41
N LEU A 15 -4.69 0.56 -2.39
CA LEU A 15 -5.56 1.64 -1.91
C LEU A 15 -4.75 2.81 -1.37
N CYS A 16 -3.80 2.52 -0.48
CA CYS A 16 -2.97 3.55 0.11
C CYS A 16 -2.10 4.24 -0.93
N ALA A 17 -1.55 3.45 -1.85
CA ALA A 17 -0.67 3.96 -2.90
C ALA A 17 -1.34 5.02 -3.78
N ALA A 18 -2.66 4.92 -3.95
CA ALA A 18 -3.42 5.85 -4.79
C ALA A 18 -3.08 7.31 -4.48
N HIS A 19 -3.02 7.65 -3.20
CA HIS A 19 -2.71 9.01 -2.77
C HIS A 19 -1.28 9.39 -3.15
N CYS A 20 -0.36 8.46 -2.92
CA CYS A 20 1.05 8.69 -3.23
C CYS A 20 1.31 8.76 -4.73
N ILE A 21 0.86 7.74 -5.45
CA ILE A 21 1.03 7.68 -6.91
C ILE A 21 0.48 8.93 -7.58
N ALA A 22 -0.65 9.43 -7.08
CA ALA A 22 -1.28 10.63 -7.63
C ALA A 22 -0.31 11.81 -7.61
N ARG A 23 0.49 11.87 -6.53
CA ARG A 23 1.48 12.93 -6.38
C ARG A 23 2.77 12.59 -7.11
N ARG A 24 2.64 11.75 -8.13
CA ARG A 24 3.76 11.31 -8.97
C ARG A 24 4.75 10.42 -8.22
N TYR A 25 4.35 9.89 -7.08
CA TYR A 25 5.21 9.01 -6.31
C TYR A 25 5.06 7.58 -6.81
N ARG A 26 5.90 6.69 -6.30
CA ARG A 26 5.87 5.30 -6.70
C ARG A 26 4.62 4.63 -6.16
N GLY A 27 4.23 5.03 -4.97
CA GLY A 27 3.04 4.49 -4.36
C GLY A 27 3.31 3.96 -2.98
N GLY A 28 3.20 2.66 -2.82
CA GLY A 28 3.41 2.05 -1.53
C GLY A 28 3.56 0.54 -1.61
N TYR A 29 4.31 -0.02 -0.68
CA TYR A 29 4.56 -1.44 -0.64
C TYR A 29 4.44 -1.95 0.79
N CYS A 30 3.92 -3.16 0.95
CA CYS A 30 3.77 -3.73 2.28
C CYS A 30 5.13 -4.22 2.77
N ASN A 31 5.56 -3.74 3.93
CA ASN A 31 6.83 -4.16 4.50
C ASN A 31 6.70 -5.53 5.14
N SER A 32 7.78 -6.01 5.75
CA SER A 32 7.81 -7.33 6.39
C SER A 32 6.68 -7.52 7.42
N LYS A 33 6.25 -6.44 8.06
CA LYS A 33 5.20 -6.51 9.05
C LYS A 33 3.81 -6.43 8.40
N ALA A 34 3.75 -6.69 7.09
CA ALA A 34 2.51 -6.67 6.32
C ALA A 34 1.74 -5.35 6.48
N VAL A 35 2.45 -4.24 6.38
CA VAL A 35 1.86 -2.92 6.51
C VAL A 35 2.25 -2.06 5.30
N CYS A 36 1.30 -1.33 4.77
CA CYS A 36 1.54 -0.46 3.62
C CYS A 36 2.50 0.67 3.97
N VAL A 37 3.57 0.78 3.20
CA VAL A 37 4.55 1.84 3.39
C VAL A 37 4.49 2.77 2.20
N CYS A 38 3.42 3.55 2.14
CA CYS A 38 3.19 4.47 1.03
C CYS A 38 4.21 5.61 1.04
N ARG A 39 4.86 5.79 -0.10
CA ARG A 39 5.83 6.85 -0.27
C ARG A 39 5.10 8.09 -0.71
N ASN A 40 5.05 9.07 0.14
CA ASN A 40 4.34 10.30 -0.18
C ASN A 40 5.22 11.51 0.14
N ALA A 1 1.00 -9.66 -5.73
CA ALA A 1 1.29 -8.87 -4.51
C ALA A 1 -0.02 -8.41 -3.86
N THR A 2 -0.83 -9.38 -3.43
CA THR A 2 -2.10 -9.09 -2.80
C THR A 2 -1.90 -8.34 -1.48
N CYS A 3 -0.82 -8.67 -0.79
CA CYS A 3 -0.49 -8.04 0.49
C CYS A 3 -1.61 -8.22 1.50
N ASP A 4 -2.18 -9.42 1.56
CA ASP A 4 -3.26 -9.70 2.49
C ASP A 4 -2.74 -9.85 3.91
N LEU A 5 -3.53 -9.39 4.88
CA LEU A 5 -3.16 -9.45 6.27
C LEU A 5 -4.11 -10.33 7.06
N ALA A 6 -5.40 -10.15 6.82
CA ALA A 6 -6.41 -10.93 7.52
C ALA A 6 -7.64 -11.19 6.68
N SER A 7 -7.48 -11.04 5.36
CA SER A 7 -8.54 -11.29 4.38
C SER A 7 -9.71 -10.31 4.45
N ILE A 8 -10.13 -9.94 5.66
CA ILE A 8 -11.25 -9.03 5.83
C ILE A 8 -11.04 -7.73 5.05
N PHE A 9 -10.06 -6.93 5.45
CA PHE A 9 -9.77 -5.69 4.74
C PHE A 9 -8.88 -5.96 3.54
N ASN A 10 -8.17 -7.08 3.60
CA ASN A 10 -7.25 -7.52 2.54
C ASN A 10 -6.19 -6.45 2.27
N VAL A 11 -6.04 -5.54 3.23
CA VAL A 11 -5.11 -4.43 3.15
C VAL A 11 -5.36 -3.54 1.96
N ASN A 12 -5.71 -2.29 2.27
CA ASN A 12 -5.98 -1.30 1.24
C ASN A 12 -4.67 -0.82 0.59
N HIS A 13 -3.78 -1.79 0.38
CA HIS A 13 -2.47 -1.56 -0.23
C HIS A 13 -2.61 -0.84 -1.55
N ALA A 14 -3.73 -1.08 -2.22
CA ALA A 14 -3.99 -0.45 -3.51
C ALA A 14 -4.39 1.00 -3.31
N LEU A 15 -5.25 1.25 -2.33
CA LEU A 15 -5.74 2.59 -2.04
C LEU A 15 -4.65 3.49 -1.44
N CYS A 16 -3.89 2.96 -0.48
CA CYS A 16 -2.84 3.75 0.16
C CYS A 16 -1.77 4.15 -0.85
N ALA A 17 -1.37 3.21 -1.70
CA ALA A 17 -0.36 3.48 -2.71
C ALA A 17 -0.88 4.49 -3.73
N ALA A 18 -2.17 4.38 -4.07
CA ALA A 18 -2.81 5.28 -5.02
C ALA A 18 -2.67 6.73 -4.55
N HIS A 19 -2.70 6.92 -3.25
CA HIS A 19 -2.57 8.26 -2.67
C HIS A 19 -1.26 8.89 -3.13
N CYS A 20 -0.18 8.12 -3.05
CA CYS A 20 1.13 8.58 -3.46
C CYS A 20 1.21 8.72 -4.97
N ILE A 21 0.69 7.71 -5.67
CA ILE A 21 0.67 7.70 -7.14
C ILE A 21 0.06 8.99 -7.68
N ALA A 22 -0.99 9.47 -7.02
CA ALA A 22 -1.66 10.69 -7.40
C ALA A 22 -0.71 11.89 -7.38
N ARG A 23 0.23 11.89 -6.43
CA ARG A 23 1.20 12.96 -6.31
C ARG A 23 2.45 12.63 -7.12
N ARG A 24 2.26 11.83 -8.16
CA ARG A 24 3.32 11.41 -9.07
C ARG A 24 4.35 10.52 -8.39
N TYR A 25 3.93 9.74 -7.41
CA TYR A 25 4.82 8.81 -6.73
C TYR A 25 4.56 7.40 -7.24
N ARG A 26 5.49 6.50 -6.98
CA ARG A 26 5.35 5.12 -7.40
C ARG A 26 4.32 4.46 -6.51
N GLY A 27 4.38 4.80 -5.23
CA GLY A 27 3.45 4.26 -4.28
C GLY A 27 4.12 3.93 -2.96
N GLY A 28 4.09 2.67 -2.60
CA GLY A 28 4.71 2.23 -1.37
C GLY A 28 5.31 0.86 -1.52
N TYR A 29 5.13 0.03 -0.50
CA TYR A 29 5.62 -1.33 -0.49
C TYR A 29 5.15 -2.05 0.76
N CYS A 30 4.68 -3.26 0.61
CA CYS A 30 4.18 -4.04 1.71
C CYS A 30 5.36 -4.66 2.47
N ASN A 31 5.51 -4.28 3.73
CA ASN A 31 6.60 -4.79 4.55
C ASN A 31 6.26 -6.18 5.09
N SER A 32 7.03 -6.64 6.07
CA SER A 32 6.81 -7.96 6.67
C SER A 32 5.41 -8.05 7.29
N LYS A 33 4.98 -6.98 7.95
CA LYS A 33 3.67 -6.95 8.60
C LYS A 33 2.55 -6.62 7.62
N ALA A 34 2.88 -6.54 6.33
CA ALA A 34 1.91 -6.23 5.28
C ALA A 34 1.26 -4.86 5.52
N VAL A 35 2.05 -3.93 6.05
CA VAL A 35 1.59 -2.59 6.31
C VAL A 35 1.55 -1.78 5.02
N CYS A 36 0.57 -0.88 4.91
CA CYS A 36 0.39 -0.06 3.74
C CYS A 36 1.42 1.08 3.68
N VAL A 37 2.70 0.72 3.61
CA VAL A 37 3.75 1.72 3.52
C VAL A 37 3.65 2.44 2.18
N CYS A 38 3.89 3.75 2.18
CA CYS A 38 3.80 4.55 0.97
C CYS A 38 4.75 5.73 1.07
N ARG A 39 5.26 6.18 -0.07
CA ARG A 39 6.21 7.29 -0.09
C ARG A 39 5.50 8.61 0.13
N ASN A 40 4.85 9.10 -0.93
CA ASN A 40 4.12 10.36 -0.91
C ASN A 40 5.02 11.52 -0.50
N ALA A 1 -0.50 -12.04 -1.00
CA ALA A 1 -1.65 -11.76 -1.88
C ALA A 1 -2.04 -10.29 -1.81
N THR A 2 -2.15 -9.78 -0.59
CA THR A 2 -2.49 -8.39 -0.39
C THR A 2 -1.27 -7.62 0.11
N CYS A 3 -0.90 -6.57 -0.62
CA CYS A 3 0.26 -5.76 -0.26
C CYS A 3 -0.08 -4.78 0.86
N ASP A 4 -0.74 -5.32 1.87
CA ASP A 4 -1.15 -4.58 3.04
C ASP A 4 -2.05 -5.49 3.86
N LEU A 5 -1.92 -5.42 5.18
CA LEU A 5 -2.72 -6.25 6.08
C LEU A 5 -4.20 -6.14 5.71
N ALA A 6 -4.72 -7.25 5.19
CA ALA A 6 -6.10 -7.31 4.72
C ALA A 6 -7.13 -7.43 5.84
N SER A 7 -6.98 -6.63 6.88
CA SER A 7 -7.92 -6.65 7.98
C SER A 7 -9.11 -5.74 7.67
N ILE A 8 -10.24 -6.36 7.35
CA ILE A 8 -11.49 -5.65 7.03
C ILE A 8 -11.37 -4.90 5.69
N PHE A 9 -10.56 -3.86 5.68
CA PHE A 9 -10.34 -3.06 4.47
C PHE A 9 -9.23 -3.64 3.62
N ASN A 10 -9.35 -4.93 3.30
CA ASN A 10 -8.35 -5.64 2.51
C ASN A 10 -7.99 -4.92 1.20
N VAL A 11 -8.97 -4.29 0.57
CA VAL A 11 -8.76 -3.59 -0.70
C VAL A 11 -7.98 -2.27 -0.53
N ASN A 12 -7.95 -1.77 0.69
CA ASN A 12 -7.27 -0.50 1.02
C ASN A 12 -5.85 -0.38 0.49
N HIS A 13 -5.19 -1.50 0.26
CA HIS A 13 -3.84 -1.47 -0.25
C HIS A 13 -3.75 -0.69 -1.57
N ALA A 14 -4.77 -0.84 -2.41
CA ALA A 14 -4.81 -0.15 -3.69
C ALA A 14 -5.00 1.34 -3.47
N LEU A 15 -5.93 1.69 -2.59
CA LEU A 15 -6.22 3.08 -2.26
C LEU A 15 -5.00 3.75 -1.63
N CYS A 16 -4.34 3.01 -0.75
CA CYS A 16 -3.15 3.52 -0.06
C CYS A 16 -2.10 4.00 -1.06
N ALA A 17 -1.70 3.11 -1.97
CA ALA A 17 -0.71 3.45 -2.97
C ALA A 17 -1.23 4.47 -3.97
N ALA A 18 -2.51 4.38 -4.33
CA ALA A 18 -3.12 5.32 -5.29
C ALA A 18 -2.88 6.77 -4.88
N HIS A 19 -3.09 7.06 -3.60
CA HIS A 19 -2.87 8.40 -3.06
C HIS A 19 -1.44 8.86 -3.30
N CYS A 20 -0.50 7.95 -3.10
CA CYS A 20 0.91 8.25 -3.28
C CYS A 20 1.27 8.36 -4.76
N ILE A 21 0.89 7.35 -5.54
CA ILE A 21 1.16 7.31 -6.98
C ILE A 21 0.64 8.56 -7.68
N ALA A 22 -0.55 9.00 -7.29
CA ALA A 22 -1.16 10.18 -7.88
C ALA A 22 -0.30 11.42 -7.63
N ARG A 23 0.26 11.51 -6.43
CA ARG A 23 1.11 12.64 -6.07
C ARG A 23 2.55 12.48 -6.53
N ARG A 24 2.75 11.79 -7.65
CA ARG A 24 4.09 11.57 -8.23
C ARG A 24 4.96 10.70 -7.33
N TYR A 25 4.43 9.57 -6.88
CA TYR A 25 5.20 8.66 -6.02
C TYR A 25 4.96 7.20 -6.39
N ARG A 26 5.83 6.37 -5.86
CA ARG A 26 5.78 4.94 -6.07
C ARG A 26 4.59 4.37 -5.30
N GLY A 27 4.40 4.89 -4.11
CA GLY A 27 3.31 4.47 -3.27
C GLY A 27 3.78 3.70 -2.06
N GLY A 28 2.93 2.84 -1.53
CA GLY A 28 3.30 2.09 -0.36
C GLY A 28 3.58 0.64 -0.66
N TYR A 29 4.77 0.23 -0.28
CA TYR A 29 5.21 -1.14 -0.46
C TYR A 29 5.00 -1.90 0.83
N CYS A 30 4.47 -3.10 0.72
CA CYS A 30 4.22 -3.91 1.90
C CYS A 30 5.51 -4.54 2.40
N ASN A 31 5.89 -4.20 3.63
CA ASN A 31 7.09 -4.74 4.24
C ASN A 31 6.82 -6.15 4.77
N SER A 32 7.65 -6.62 5.70
CA SER A 32 7.47 -7.96 6.25
C SER A 32 6.11 -8.08 6.94
N LYS A 33 5.71 -7.03 7.66
CA LYS A 33 4.43 -7.04 8.35
C LYS A 33 3.28 -6.61 7.42
N ALA A 34 3.56 -6.59 6.13
CA ALA A 34 2.58 -6.21 5.10
C ALA A 34 1.99 -4.83 5.36
N VAL A 35 2.81 -3.90 5.79
CA VAL A 35 2.35 -2.55 6.05
C VAL A 35 2.58 -1.68 4.82
N CYS A 36 1.55 -0.99 4.37
CA CYS A 36 1.63 -0.13 3.19
C CYS A 36 2.43 1.14 3.50
N VAL A 37 3.75 1.02 3.48
CA VAL A 37 4.62 2.15 3.76
C VAL A 37 4.62 3.09 2.54
N CYS A 38 3.62 3.96 2.49
CA CYS A 38 3.45 4.89 1.38
C CYS A 38 4.55 5.92 1.27
N ARG A 39 5.10 6.04 0.07
CA ARG A 39 6.12 7.02 -0.23
C ARG A 39 5.42 8.32 -0.51
N ASN A 40 5.91 9.37 0.07
CA ASN A 40 5.33 10.68 -0.11
C ASN A 40 6.30 11.76 0.34
N ALA A 1 -0.39 -6.46 -4.97
CA ALA A 1 -0.02 -7.62 -4.14
C ALA A 1 -0.76 -7.58 -2.82
N THR A 2 -1.29 -8.72 -2.40
CA THR A 2 -2.00 -8.82 -1.14
C THR A 2 -1.04 -8.63 0.03
N CYS A 3 -1.39 -7.73 0.92
CA CYS A 3 -0.54 -7.44 2.07
C CYS A 3 -0.73 -8.45 3.20
N ASP A 4 -0.49 -9.72 2.90
CA ASP A 4 -0.61 -10.81 3.86
C ASP A 4 -1.97 -10.80 4.57
N LEU A 5 -1.94 -10.54 5.87
CA LEU A 5 -3.14 -10.51 6.69
C LEU A 5 -3.90 -9.19 6.57
N ALA A 6 -3.89 -8.61 5.40
CA ALA A 6 -4.59 -7.35 5.15
C ALA A 6 -6.06 -7.62 4.91
N SER A 7 -6.72 -8.25 5.86
CA SER A 7 -8.13 -8.57 5.73
C SER A 7 -9.00 -7.35 6.00
N ILE A 8 -8.79 -6.71 7.14
CA ILE A 8 -9.56 -5.54 7.52
C ILE A 8 -9.10 -4.31 6.76
N PHE A 9 -7.79 -4.12 6.71
CA PHE A 9 -7.19 -2.97 6.02
C PHE A 9 -6.62 -3.37 4.67
N ASN A 10 -7.39 -4.11 3.88
CA ASN A 10 -6.96 -4.57 2.57
C ASN A 10 -6.56 -3.42 1.66
N VAL A 11 -7.22 -2.28 1.85
CA VAL A 11 -6.97 -1.08 1.06
C VAL A 11 -5.52 -0.59 1.13
N ASN A 12 -4.76 -1.06 2.14
CA ASN A 12 -3.37 -0.63 2.30
C ASN A 12 -2.44 -1.25 1.24
N HIS A 13 -2.95 -1.45 0.04
CA HIS A 13 -2.14 -2.02 -1.02
C HIS A 13 -2.49 -1.37 -2.37
N ALA A 14 -3.77 -1.08 -2.58
CA ALA A 14 -4.19 -0.46 -3.82
C ALA A 14 -4.52 1.00 -3.61
N LEU A 15 -5.48 1.28 -2.73
CA LEU A 15 -5.88 2.65 -2.43
C LEU A 15 -4.75 3.41 -1.74
N CYS A 16 -4.04 2.74 -0.85
CA CYS A 16 -2.92 3.35 -0.15
C CYS A 16 -1.90 3.87 -1.15
N ALA A 17 -1.45 2.97 -2.03
CA ALA A 17 -0.51 3.32 -3.07
C ALA A 17 -1.08 4.38 -4.02
N ALA A 18 -2.34 4.21 -4.41
CA ALA A 18 -3.02 5.12 -5.33
C ALA A 18 -2.86 6.58 -4.93
N HIS A 19 -3.11 6.88 -3.66
CA HIS A 19 -3.00 8.25 -3.16
C HIS A 19 -1.58 8.77 -3.35
N CYS A 20 -0.62 7.90 -3.08
CA CYS A 20 0.78 8.24 -3.20
C CYS A 20 1.17 8.44 -4.66
N ILE A 21 0.69 7.55 -5.54
CA ILE A 21 0.96 7.66 -6.97
C ILE A 21 0.50 9.03 -7.49
N ALA A 22 -0.64 9.47 -6.98
CA ALA A 22 -1.22 10.76 -7.35
C ALA A 22 -0.26 11.90 -7.06
N ARG A 23 0.48 11.79 -5.96
CA ARG A 23 1.45 12.81 -5.57
C ARG A 23 2.75 12.67 -6.37
N ARG A 24 2.65 12.10 -7.56
CA ARG A 24 3.80 11.88 -8.44
C ARG A 24 4.79 10.92 -7.81
N TYR A 25 4.27 9.89 -7.16
CA TYR A 25 5.10 8.87 -6.54
C TYR A 25 4.78 7.52 -7.15
N ARG A 26 5.49 6.49 -6.73
CA ARG A 26 5.27 5.15 -7.26
C ARG A 26 4.08 4.50 -6.56
N GLY A 27 3.96 4.74 -5.27
CA GLY A 27 2.87 4.18 -4.52
C GLY A 27 3.28 3.75 -3.14
N GLY A 28 2.81 2.58 -2.75
CA GLY A 28 3.14 2.06 -1.44
C GLY A 28 3.26 0.55 -1.47
N TYR A 29 4.22 0.05 -0.71
CA TYR A 29 4.47 -1.37 -0.63
C TYR A 29 4.42 -1.82 0.81
N CYS A 30 3.79 -2.95 1.07
CA CYS A 30 3.69 -3.44 2.43
C CYS A 30 4.99 -4.13 2.84
N ASN A 31 5.51 -3.75 4.01
CA ASN A 31 6.74 -4.31 4.52
C ASN A 31 6.53 -5.71 5.09
N SER A 32 7.46 -6.19 5.90
CA SER A 32 7.35 -7.52 6.48
C SER A 32 6.13 -7.62 7.39
N LYS A 33 5.85 -6.56 8.15
CA LYS A 33 4.71 -6.55 9.06
C LYS A 33 3.41 -6.23 8.32
N ALA A 34 3.45 -6.30 6.99
CA ALA A 34 2.29 -6.05 6.13
C ALA A 34 1.74 -4.63 6.31
N VAL A 35 2.63 -3.67 6.56
CA VAL A 35 2.23 -2.28 6.72
C VAL A 35 2.53 -1.53 5.43
N CYS A 36 1.56 -0.76 4.95
CA CYS A 36 1.74 -0.02 3.71
C CYS A 36 2.79 1.08 3.85
N VAL A 37 3.99 0.80 3.37
CA VAL A 37 5.06 1.77 3.40
C VAL A 37 4.94 2.64 2.16
N CYS A 38 4.00 3.57 2.21
CA CYS A 38 3.73 4.43 1.07
C CYS A 38 4.77 5.53 0.95
N ARG A 39 5.16 5.81 -0.28
CA ARG A 39 6.15 6.83 -0.58
C ARG A 39 5.51 8.18 -0.77
N ASN A 40 4.39 8.39 -0.09
CA ASN A 40 3.64 9.64 -0.16
C ASN A 40 4.46 10.80 0.39
N ALA A 1 4.34 -7.04 -1.80
CA ALA A 1 2.98 -7.00 -2.39
C ALA A 1 1.99 -7.66 -1.45
N THR A 2 0.74 -7.80 -1.90
CA THR A 2 -0.34 -8.41 -1.12
C THR A 2 -0.85 -7.50 0.00
N CYS A 3 0.06 -7.04 0.85
CA CYS A 3 -0.29 -6.16 1.97
C CYS A 3 -1.28 -6.86 2.90
N ASP A 4 -0.89 -8.02 3.39
CA ASP A 4 -1.74 -8.83 4.28
C ASP A 4 -1.83 -8.25 5.69
N LEU A 5 -2.05 -6.94 5.78
CA LEU A 5 -2.17 -6.26 7.06
C LEU A 5 -3.58 -6.43 7.59
N ALA A 6 -4.44 -5.46 7.30
CA ALA A 6 -5.83 -5.53 7.71
C ALA A 6 -6.57 -6.46 6.76
N SER A 7 -6.40 -7.74 7.01
CA SER A 7 -6.96 -8.83 6.19
C SER A 7 -8.40 -8.62 5.72
N ILE A 8 -9.18 -7.83 6.44
CA ILE A 8 -10.57 -7.57 6.06
C ILE A 8 -10.65 -7.10 4.59
N PHE A 9 -9.61 -6.40 4.15
CA PHE A 9 -9.53 -5.90 2.78
C PHE A 9 -8.07 -5.76 2.34
N ASN A 10 -7.16 -6.24 3.20
CA ASN A 10 -5.71 -6.18 2.95
C ASN A 10 -5.30 -4.76 2.60
N VAL A 11 -5.84 -3.80 3.37
CA VAL A 11 -5.62 -2.36 3.20
C VAL A 11 -5.83 -1.93 1.75
N ASN A 12 -6.58 -2.77 1.02
CA ASN A 12 -6.90 -2.58 -0.39
C ASN A 12 -5.65 -2.74 -1.25
N HIS A 13 -4.49 -2.49 -0.63
CA HIS A 13 -3.18 -2.58 -1.26
C HIS A 13 -3.22 -1.98 -2.66
N ALA A 14 -3.96 -0.89 -2.73
CA ALA A 14 -4.15 -0.14 -3.96
C ALA A 14 -4.55 1.27 -3.59
N LEU A 15 -5.43 1.36 -2.59
CA LEU A 15 -5.87 2.65 -2.09
C LEU A 15 -4.69 3.37 -1.46
N CYS A 16 -3.89 2.60 -0.73
CA CYS A 16 -2.70 3.11 -0.09
C CYS A 16 -1.76 3.75 -1.11
N ALA A 17 -1.40 2.99 -2.13
CA ALA A 17 -0.51 3.48 -3.19
C ALA A 17 -1.16 4.57 -4.04
N ALA A 18 -2.47 4.47 -4.26
CA ALA A 18 -3.21 5.44 -5.07
C ALA A 18 -2.92 6.88 -4.63
N HIS A 19 -2.98 7.11 -3.33
CA HIS A 19 -2.71 8.43 -2.77
C HIS A 19 -1.34 8.91 -3.19
N CYS A 20 -0.35 8.04 -3.02
CA CYS A 20 1.03 8.34 -3.36
C CYS A 20 1.18 8.54 -4.86
N ILE A 21 0.62 7.63 -5.63
CA ILE A 21 0.68 7.68 -7.10
C ILE A 21 0.10 8.97 -7.63
N ALA A 22 -0.94 9.47 -6.98
CA ALA A 22 -1.58 10.72 -7.38
C ALA A 22 -0.57 11.86 -7.39
N ARG A 23 0.36 11.82 -6.44
CA ARG A 23 1.38 12.83 -6.34
C ARG A 23 2.75 12.26 -6.72
N ARG A 24 2.75 11.44 -7.77
CA ARG A 24 3.95 10.79 -8.31
C ARG A 24 4.41 9.64 -7.42
N TYR A 25 5.66 9.73 -6.92
CA TYR A 25 6.25 8.70 -6.06
C TYR A 25 6.17 7.32 -6.71
N ARG A 26 6.03 6.31 -5.86
CA ARG A 26 5.93 4.92 -6.31
C ARG A 26 4.93 4.22 -5.41
N GLY A 27 4.03 5.02 -4.87
CA GLY A 27 3.00 4.50 -3.99
C GLY A 27 3.52 3.99 -2.69
N GLY A 28 2.98 2.86 -2.27
CA GLY A 28 3.37 2.25 -1.04
C GLY A 28 3.55 0.77 -1.20
N TYR A 29 4.51 0.24 -0.47
CA TYR A 29 4.81 -1.18 -0.54
C TYR A 29 4.62 -1.81 0.83
N CYS A 30 4.12 -3.02 0.85
CA CYS A 30 3.89 -3.74 2.09
C CYS A 30 5.23 -4.17 2.67
N ASN A 31 5.54 -3.68 3.87
CA ASN A 31 6.81 -4.01 4.52
C ASN A 31 6.80 -5.43 5.09
N SER A 32 7.70 -5.68 6.04
CA SER A 32 7.80 -6.99 6.67
C SER A 32 6.54 -7.32 7.45
N LYS A 33 5.92 -6.30 8.04
CA LYS A 33 4.70 -6.48 8.82
C LYS A 33 3.46 -6.39 7.93
N ALA A 34 3.68 -6.48 6.61
CA ALA A 34 2.61 -6.41 5.62
C ALA A 34 1.92 -5.04 5.62
N VAL A 35 2.56 -4.07 6.25
CA VAL A 35 2.03 -2.72 6.32
C VAL A 35 2.43 -1.94 5.06
N CYS A 36 1.45 -1.35 4.40
CA CYS A 36 1.73 -0.58 3.19
C CYS A 36 2.38 0.74 3.55
N VAL A 37 3.67 0.85 3.25
CA VAL A 37 4.41 2.07 3.53
C VAL A 37 4.40 2.98 2.31
N CYS A 38 3.54 3.98 2.35
CA CYS A 38 3.44 4.92 1.25
C CYS A 38 4.63 5.88 1.27
N ARG A 39 5.25 6.05 0.12
CA ARG A 39 6.43 6.90 0.00
C ARG A 39 6.08 8.37 -0.20
N ASN A 40 4.85 8.69 0.07
CA ASN A 40 4.35 10.06 -0.07
C ASN A 40 5.14 11.03 0.82
N ALA A 1 -0.84 -6.62 -4.23
CA ALA A 1 -0.50 -7.60 -3.17
C ALA A 1 -1.52 -7.55 -2.05
N THR A 2 -1.54 -8.60 -1.23
CA THR A 2 -2.47 -8.74 -0.11
C THR A 2 -2.04 -7.89 1.10
N CYS A 3 -1.37 -6.81 0.81
CA CYS A 3 -0.86 -5.86 1.80
C CYS A 3 -1.93 -5.44 2.80
N ASP A 4 -1.46 -5.14 4.00
CA ASP A 4 -2.28 -4.69 5.12
C ASP A 4 -3.38 -5.69 5.46
N LEU A 5 -3.01 -6.97 5.42
CA LEU A 5 -3.94 -8.05 5.73
C LEU A 5 -5.20 -7.93 4.88
N ALA A 6 -5.01 -7.94 3.58
CA ALA A 6 -6.10 -7.80 2.63
C ALA A 6 -6.96 -9.06 2.56
N SER A 7 -7.68 -9.35 3.63
CA SER A 7 -8.54 -10.51 3.71
C SER A 7 -9.80 -10.30 2.85
N ILE A 8 -10.95 -10.12 3.50
CA ILE A 8 -12.20 -9.89 2.79
C ILE A 8 -12.16 -8.54 2.09
N PHE A 9 -11.69 -7.54 2.81
CA PHE A 9 -11.56 -6.18 2.28
C PHE A 9 -10.18 -6.01 1.66
N ASN A 10 -9.85 -6.93 0.76
CA ASN A 10 -8.57 -6.95 0.05
C ASN A 10 -8.20 -5.58 -0.50
N VAL A 11 -9.21 -4.83 -0.92
CA VAL A 11 -9.02 -3.50 -1.49
C VAL A 11 -8.31 -2.52 -0.53
N ASN A 12 -8.23 -2.87 0.75
CA ASN A 12 -7.58 -2.00 1.75
C ASN A 12 -6.06 -1.92 1.59
N HIS A 13 -5.63 -1.65 0.37
CA HIS A 13 -4.21 -1.50 0.06
C HIS A 13 -4.02 -0.63 -1.18
N ALA A 14 -4.97 -0.72 -2.11
CA ALA A 14 -4.90 0.07 -3.34
C ALA A 14 -5.21 1.54 -3.05
N LEU A 15 -6.08 1.77 -2.07
CA LEU A 15 -6.49 3.12 -1.69
C LEU A 15 -5.30 3.98 -1.25
N CYS A 16 -4.50 3.47 -0.33
CA CYS A 16 -3.35 4.21 0.17
C CYS A 16 -2.33 4.43 -0.96
N ALA A 17 -1.96 3.35 -1.63
CA ALA A 17 -0.99 3.40 -2.71
C ALA A 17 -1.43 4.36 -3.82
N ALA A 18 -2.68 4.26 -4.26
CA ALA A 18 -3.19 5.12 -5.33
C ALA A 18 -3.00 6.59 -5.00
N HIS A 19 -3.33 6.95 -3.77
CA HIS A 19 -3.19 8.32 -3.29
C HIS A 19 -1.74 8.78 -3.42
N CYS A 20 -0.82 7.96 -2.93
CA CYS A 20 0.59 8.28 -2.97
C CYS A 20 1.15 8.25 -4.40
N ILE A 21 0.84 7.19 -5.15
CA ILE A 21 1.30 7.04 -6.53
C ILE A 21 0.95 8.28 -7.37
N ALA A 22 -0.27 8.76 -7.21
CA ALA A 22 -0.76 9.93 -7.95
C ALA A 22 0.16 11.14 -7.79
N ARG A 23 0.61 11.37 -6.56
CA ARG A 23 1.49 12.50 -6.27
C ARG A 23 2.95 12.17 -6.60
N ARG A 24 3.16 11.61 -7.79
CA ARG A 24 4.48 11.22 -8.31
C ARG A 24 5.30 10.38 -7.31
N TYR A 25 4.68 9.36 -6.76
CA TYR A 25 5.36 8.46 -5.83
C TYR A 25 5.14 7.01 -6.23
N ARG A 26 5.82 6.11 -5.53
CA ARG A 26 5.70 4.68 -5.77
C ARG A 26 4.47 4.17 -5.07
N GLY A 27 3.85 5.04 -4.30
CA GLY A 27 2.66 4.70 -3.56
C GLY A 27 2.96 4.04 -2.25
N GLY A 28 3.68 2.93 -2.27
CA GLY A 28 3.99 2.26 -1.02
C GLY A 28 4.51 0.85 -1.23
N TYR A 29 5.51 0.49 -0.44
CA TYR A 29 6.08 -0.84 -0.53
C TYR A 29 5.58 -1.67 0.65
N CYS A 30 5.23 -2.91 0.38
CA CYS A 30 4.71 -3.78 1.41
C CYS A 30 5.85 -4.59 2.02
N ASN A 31 6.15 -4.31 3.29
CA ASN A 31 7.23 -4.99 4.01
C ASN A 31 6.83 -6.40 4.42
N SER A 32 7.47 -6.94 5.45
CA SER A 32 7.18 -8.28 5.93
C SER A 32 5.72 -8.37 6.39
N LYS A 33 5.32 -7.40 7.20
CA LYS A 33 3.96 -7.32 7.71
C LYS A 33 3.00 -6.89 6.60
N ALA A 34 3.56 -6.61 5.43
CA ALA A 34 2.82 -6.17 4.25
C ALA A 34 2.12 -4.85 4.51
N VAL A 35 2.73 -4.04 5.35
CA VAL A 35 2.19 -2.73 5.69
C VAL A 35 2.32 -1.76 4.52
N CYS A 36 1.27 -0.98 4.29
CA CYS A 36 1.26 -0.01 3.21
C CYS A 36 2.12 1.19 3.57
N VAL A 37 3.44 1.04 3.43
CA VAL A 37 4.38 2.11 3.73
C VAL A 37 4.34 3.15 2.62
N CYS A 38 3.22 3.84 2.55
CA CYS A 38 2.93 4.85 1.54
C CYS A 38 4.04 5.90 1.42
N ARG A 39 4.44 6.14 0.19
CA ARG A 39 5.44 7.15 -0.12
C ARG A 39 4.71 8.45 -0.38
N ASN A 40 4.99 9.46 0.42
CA ASN A 40 4.33 10.72 0.29
C ASN A 40 5.28 11.86 0.63
N ALA A 1 3.74 -9.17 -3.45
CA ALA A 1 3.01 -9.78 -2.33
C ALA A 1 1.95 -8.82 -1.81
N THR A 2 0.76 -9.35 -1.59
CA THR A 2 -0.35 -8.56 -1.09
C THR A 2 -0.14 -8.17 0.36
N CYS A 3 -0.49 -6.94 0.71
CA CYS A 3 -0.33 -6.43 2.07
C CYS A 3 -1.36 -7.06 3.02
N ASP A 4 -1.41 -8.39 3.04
CA ASP A 4 -2.35 -9.11 3.89
C ASP A 4 -1.80 -9.31 5.30
N LEU A 5 -2.63 -9.03 6.29
CA LEU A 5 -2.28 -9.19 7.68
C LEU A 5 -3.56 -9.08 8.50
N ALA A 6 -4.27 -8.00 8.24
CA ALA A 6 -5.54 -7.73 8.90
C ALA A 6 -6.64 -8.50 8.18
N SER A 7 -6.71 -9.80 8.45
CA SER A 7 -7.68 -10.71 7.84
C SER A 7 -8.98 -10.05 7.38
N ILE A 8 -9.33 -10.31 6.12
CA ILE A 8 -10.52 -9.79 5.46
C ILE A 8 -10.34 -8.32 5.06
N PHE A 9 -10.21 -7.43 6.03
CA PHE A 9 -9.99 -6.02 5.77
C PHE A 9 -8.49 -5.73 5.72
N ASN A 10 -7.77 -6.64 5.10
CA ASN A 10 -6.33 -6.53 4.98
C ASN A 10 -5.99 -5.31 4.16
N VAL A 11 -4.80 -4.78 4.35
CA VAL A 11 -4.38 -3.59 3.64
C VAL A 11 -4.62 -3.75 2.16
N ASN A 12 -5.54 -2.93 1.67
CA ASN A 12 -5.95 -2.93 0.27
C ASN A 12 -4.77 -2.78 -0.68
N HIS A 13 -3.61 -2.39 -0.12
CA HIS A 13 -2.33 -2.27 -0.86
C HIS A 13 -2.48 -1.74 -2.28
N ALA A 14 -3.37 -0.79 -2.43
CA ALA A 14 -3.62 -0.18 -3.72
C ALA A 14 -4.22 1.18 -3.50
N LEU A 15 -5.14 1.26 -2.55
CA LEU A 15 -5.77 2.52 -2.22
C LEU A 15 -4.75 3.41 -1.54
N CYS A 16 -3.95 2.80 -0.66
CA CYS A 16 -2.90 3.53 0.05
C CYS A 16 -1.93 4.14 -0.95
N ALA A 17 -1.44 3.31 -1.86
CA ALA A 17 -0.51 3.73 -2.90
C ALA A 17 -1.11 4.77 -3.84
N ALA A 18 -2.41 4.64 -4.12
CA ALA A 18 -3.10 5.56 -5.02
C ALA A 18 -2.87 7.02 -4.63
N HIS A 19 -2.95 7.30 -3.34
CA HIS A 19 -2.73 8.65 -2.82
C HIS A 19 -1.34 9.14 -3.22
N CYS A 20 -0.36 8.27 -3.07
CA CYS A 20 1.01 8.59 -3.41
C CYS A 20 1.19 8.69 -4.92
N ILE A 21 0.71 7.68 -5.65
CA ILE A 21 0.78 7.66 -7.11
C ILE A 21 0.22 8.95 -7.71
N ALA A 22 -0.89 9.43 -7.14
CA ALA A 22 -1.53 10.65 -7.61
C ALA A 22 -0.55 11.82 -7.53
N ARG A 23 0.21 11.87 -6.44
CA ARG A 23 1.18 12.93 -6.23
C ARG A 23 2.53 12.58 -6.88
N ARG A 24 2.49 11.68 -7.86
CA ARG A 24 3.69 11.26 -8.60
C ARG A 24 4.66 10.45 -7.73
N TYR A 25 4.11 9.47 -7.01
CA TYR A 25 4.92 8.61 -6.17
C TYR A 25 4.67 7.16 -6.54
N ARG A 26 5.61 6.30 -6.17
CA ARG A 26 5.51 4.88 -6.44
C ARG A 26 4.37 4.30 -5.62
N GLY A 27 4.17 4.88 -4.45
CA GLY A 27 3.12 4.44 -3.57
C GLY A 27 3.61 3.63 -2.40
N GLY A 28 2.84 2.63 -2.01
CA GLY A 28 3.20 1.81 -0.88
C GLY A 28 3.69 0.44 -1.24
N TYR A 29 4.37 -0.17 -0.27
CA TYR A 29 4.92 -1.50 -0.40
C TYR A 29 4.75 -2.21 0.94
N CYS A 30 4.38 -3.49 0.88
CA CYS A 30 4.16 -4.25 2.10
C CYS A 30 5.49 -4.55 2.80
N ASN A 31 5.60 -4.11 4.04
CA ASN A 31 6.82 -4.34 4.81
C ASN A 31 6.71 -5.68 5.55
N SER A 32 7.45 -5.83 6.65
CA SER A 32 7.42 -7.05 7.43
C SER A 32 6.05 -7.26 8.07
N LYS A 33 5.45 -6.18 8.56
CA LYS A 33 4.14 -6.26 9.18
C LYS A 33 3.03 -6.18 8.12
N ALA A 34 3.43 -6.30 6.86
CA ALA A 34 2.52 -6.23 5.72
C ALA A 34 1.83 -4.88 5.65
N VAL A 35 2.49 -3.87 6.21
CA VAL A 35 1.96 -2.52 6.20
C VAL A 35 2.31 -1.82 4.89
N CYS A 36 1.33 -1.14 4.31
CA CYS A 36 1.52 -0.42 3.06
C CYS A 36 2.29 0.88 3.28
N VAL A 37 3.62 0.79 3.33
CA VAL A 37 4.45 1.97 3.54
C VAL A 37 4.41 2.81 2.27
N CYS A 38 3.61 3.85 2.27
CA CYS A 38 3.45 4.70 1.11
C CYS A 38 4.50 5.80 1.07
N ARG A 39 5.21 5.88 -0.05
CA ARG A 39 6.23 6.90 -0.25
C ARG A 39 5.53 8.23 -0.48
N ASN A 40 5.83 9.18 0.36
CA ASN A 40 5.22 10.49 0.28
C ASN A 40 6.31 11.56 0.33
N ALA A 1 5.59 -7.83 -5.27
CA ALA A 1 4.92 -8.55 -4.16
C ALA A 1 3.59 -7.88 -3.85
N THR A 2 2.57 -8.68 -3.63
CA THR A 2 1.24 -8.18 -3.32
C THR A 2 1.22 -7.40 -2.01
N CYS A 3 1.79 -7.98 -0.96
CA CYS A 3 1.83 -7.33 0.34
C CYS A 3 2.69 -8.14 1.30
N ASP A 4 3.84 -8.62 0.79
CA ASP A 4 4.80 -9.44 1.53
C ASP A 4 4.25 -10.84 1.77
N LEU A 5 3.01 -10.89 2.21
CA LEU A 5 2.30 -12.13 2.48
C LEU A 5 0.82 -11.81 2.69
N ALA A 6 0.07 -11.80 1.60
CA ALA A 6 -1.35 -11.48 1.65
C ALA A 6 -2.05 -11.93 0.37
N SER A 7 -2.50 -13.17 0.35
CA SER A 7 -3.18 -13.71 -0.82
C SER A 7 -4.69 -13.45 -0.76
N ILE A 8 -5.32 -13.83 0.34
CA ILE A 8 -6.77 -13.66 0.49
C ILE A 8 -7.16 -12.21 0.80
N PHE A 9 -6.19 -11.31 0.78
CA PHE A 9 -6.45 -9.90 1.05
C PHE A 9 -5.28 -9.04 0.58
N ASN A 10 -4.95 -9.15 -0.71
CA ASN A 10 -3.85 -8.39 -1.31
C ASN A 10 -4.28 -6.97 -1.67
N VAL A 11 -5.50 -6.60 -1.28
CA VAL A 11 -6.03 -5.26 -1.57
C VAL A 11 -5.15 -4.19 -0.95
N ASN A 12 -4.74 -4.46 0.29
CA ASN A 12 -3.88 -3.55 1.03
C ASN A 12 -2.59 -3.34 0.24
N HIS A 13 -2.22 -2.06 0.11
CA HIS A 13 -1.04 -1.58 -0.64
C HIS A 13 -1.49 -0.89 -1.92
N ALA A 14 -2.66 -1.28 -2.41
CA ALA A 14 -3.21 -0.70 -3.64
C ALA A 14 -4.01 0.56 -3.34
N LEU A 15 -4.87 0.49 -2.33
CA LEU A 15 -5.71 1.62 -1.93
C LEU A 15 -4.85 2.80 -1.48
N CYS A 16 -3.92 2.52 -0.58
CA CYS A 16 -3.01 3.53 -0.05
C CYS A 16 -2.12 4.09 -1.16
N ALA A 17 -1.69 3.21 -2.05
CA ALA A 17 -0.81 3.59 -3.17
C ALA A 17 -1.40 4.71 -4.00
N ALA A 18 -2.72 4.72 -4.16
CA ALA A 18 -3.39 5.75 -4.95
C ALA A 18 -2.96 7.15 -4.53
N HIS A 19 -2.89 7.38 -3.22
CA HIS A 19 -2.49 8.68 -2.69
C HIS A 19 -1.03 8.96 -3.03
N CYS A 20 -0.18 7.95 -2.90
CA CYS A 20 1.24 8.11 -3.20
C CYS A 20 1.46 8.29 -4.71
N ILE A 21 0.77 7.48 -5.50
CA ILE A 21 0.83 7.54 -6.96
C ILE A 21 0.45 8.93 -7.45
N ALA A 22 -0.60 9.49 -6.84
CA ALA A 22 -1.08 10.82 -7.19
C ALA A 22 0.00 11.87 -6.98
N ARG A 23 0.84 11.66 -5.97
CA ARG A 23 1.92 12.58 -5.66
C ARG A 23 3.15 12.29 -6.51
N ARG A 24 2.93 11.61 -7.63
CA ARG A 24 3.99 11.25 -8.58
C ARG A 24 5.01 10.27 -7.96
N TYR A 25 4.52 9.29 -7.23
CA TYR A 25 5.40 8.30 -6.62
C TYR A 25 5.05 6.90 -7.13
N ARG A 26 5.58 5.89 -6.46
CA ARG A 26 5.34 4.49 -6.82
C ARG A 26 4.36 3.84 -5.87
N GLY A 27 3.49 4.65 -5.31
CA GLY A 27 2.49 4.15 -4.38
C GLY A 27 3.05 3.67 -3.07
N GLY A 28 2.49 2.59 -2.57
CA GLY A 28 2.92 2.05 -1.30
C GLY A 28 3.07 0.55 -1.35
N TYR A 29 4.12 0.06 -0.74
CA TYR A 29 4.40 -1.36 -0.71
C TYR A 29 4.41 -1.85 0.73
N CYS A 30 3.92 -3.05 0.96
CA CYS A 30 3.89 -3.58 2.32
C CYS A 30 5.27 -4.05 2.75
N ASN A 31 5.78 -3.45 3.81
CA ASN A 31 7.09 -3.84 4.34
C ASN A 31 6.96 -5.17 5.07
N SER A 32 8.05 -5.65 5.66
CA SER A 32 8.03 -6.91 6.38
C SER A 32 6.98 -6.91 7.50
N LYS A 33 6.69 -5.73 8.05
CA LYS A 33 5.69 -5.63 9.12
C LYS A 33 4.25 -5.68 8.57
N ALA A 34 4.10 -6.17 7.34
CA ALA A 34 2.80 -6.32 6.68
C ALA A 34 1.96 -5.05 6.74
N VAL A 35 2.57 -3.91 6.41
CA VAL A 35 1.87 -2.64 6.42
C VAL A 35 2.28 -1.82 5.20
N CYS A 36 1.32 -1.10 4.65
CA CYS A 36 1.55 -0.28 3.46
C CYS A 36 2.49 0.89 3.74
N VAL A 37 3.47 1.07 2.87
CA VAL A 37 4.44 2.16 2.99
C VAL A 37 4.24 3.13 1.83
N CYS A 38 3.32 4.07 2.01
CA CYS A 38 3.01 5.07 1.00
C CYS A 38 4.21 5.98 0.81
N ARG A 39 4.63 6.10 -0.44
CA ARG A 39 5.80 6.92 -0.78
C ARG A 39 5.45 8.39 -0.95
N ASN A 40 4.18 8.70 -0.77
CA ASN A 40 3.68 10.07 -0.93
C ASN A 40 4.51 11.09 -0.16
N ALA A 1 1.74 -2.40 -1.36
CA ALA A 1 1.82 -2.43 0.12
C ALA A 1 0.67 -3.24 0.69
N THR A 2 0.82 -3.71 1.93
CA THR A 2 -0.25 -4.48 2.60
C THR A 2 -0.73 -5.66 1.74
N CYS A 3 0.12 -6.06 0.83
CA CYS A 3 -0.22 -7.13 -0.10
C CYS A 3 -0.14 -8.52 0.55
N ASP A 4 -0.62 -8.63 1.77
CA ASP A 4 -0.63 -9.90 2.49
C ASP A 4 -2.02 -10.17 3.02
N LEU A 5 -2.39 -9.39 4.02
CA LEU A 5 -3.69 -9.50 4.67
C LEU A 5 -3.89 -8.32 5.60
N ALA A 6 -5.10 -7.78 5.63
CA ALA A 6 -5.41 -6.65 6.49
C ALA A 6 -6.86 -6.71 6.96
N SER A 7 -7.36 -7.93 7.09
CA SER A 7 -8.72 -8.18 7.54
C SER A 7 -9.73 -7.37 6.72
N ILE A 8 -10.71 -6.80 7.40
CA ILE A 8 -11.76 -6.02 6.75
C ILE A 8 -11.22 -4.75 6.12
N PHE A 9 -10.18 -4.17 6.69
CA PHE A 9 -9.60 -2.95 6.16
C PHE A 9 -8.47 -3.25 5.17
N ASN A 10 -8.63 -4.34 4.43
CA ASN A 10 -7.64 -4.74 3.42
C ASN A 10 -7.43 -3.62 2.41
N VAL A 11 -8.49 -2.89 2.16
CA VAL A 11 -8.50 -1.77 1.22
C VAL A 11 -7.44 -0.70 1.51
N ASN A 12 -6.81 -0.77 2.67
CA ASN A 12 -5.79 0.22 3.03
C ASN A 12 -4.45 0.00 2.32
N HIS A 13 -4.51 -0.33 1.05
CA HIS A 13 -3.30 -0.52 0.26
C HIS A 13 -3.54 -0.17 -1.20
N ALA A 14 -4.70 -0.55 -1.73
CA ALA A 14 -5.03 -0.23 -3.12
C ALA A 14 -5.22 1.27 -3.24
N LEU A 15 -6.05 1.81 -2.36
CA LEU A 15 -6.33 3.23 -2.32
C LEU A 15 -5.12 3.98 -1.77
N CYS A 16 -4.47 3.38 -0.79
CA CYS A 16 -3.30 3.96 -0.15
C CYS A 16 -2.20 4.25 -1.18
N ALA A 17 -1.76 3.22 -1.88
CA ALA A 17 -0.72 3.37 -2.90
C ALA A 17 -1.17 4.30 -4.02
N ALA A 18 -2.42 4.16 -4.43
CA ALA A 18 -2.97 4.99 -5.50
C ALA A 18 -2.86 6.46 -5.16
N HIS A 19 -3.15 6.80 -3.89
CA HIS A 19 -3.08 8.18 -3.43
C HIS A 19 -1.64 8.69 -3.53
N CYS A 20 -0.68 7.83 -3.21
CA CYS A 20 0.73 8.19 -3.27
C CYS A 20 1.11 8.44 -4.72
N ILE A 21 0.79 7.48 -5.59
CA ILE A 21 1.06 7.58 -7.02
C ILE A 21 0.45 8.86 -7.61
N ALA A 22 -0.71 9.24 -7.11
CA ALA A 22 -1.41 10.45 -7.56
C ALA A 22 -0.53 11.68 -7.38
N ARG A 23 0.22 11.70 -6.28
CA ARG A 23 1.13 12.81 -6.00
C ARG A 23 2.47 12.60 -6.68
N ARG A 24 2.45 11.83 -7.77
CA ARG A 24 3.65 11.51 -8.55
C ARG A 24 4.64 10.68 -7.74
N TYR A 25 4.13 9.98 -6.74
CA TYR A 25 4.97 9.13 -5.91
C TYR A 25 4.90 7.69 -6.38
N ARG A 26 5.84 6.89 -5.92
CA ARG A 26 5.91 5.49 -6.29
C ARG A 26 4.75 4.74 -5.66
N GLY A 27 4.52 5.03 -4.40
CA GLY A 27 3.46 4.38 -3.67
C GLY A 27 3.94 3.86 -2.35
N GLY A 28 3.75 2.58 -2.15
CA GLY A 28 4.16 1.94 -0.93
C GLY A 28 4.36 0.46 -1.14
N TYR A 29 5.49 -0.02 -0.69
CA TYR A 29 5.84 -1.41 -0.82
C TYR A 29 5.42 -2.16 0.44
N CYS A 30 5.02 -3.40 0.30
CA CYS A 30 4.59 -4.18 1.46
C CYS A 30 5.79 -4.60 2.29
N ASN A 31 5.81 -4.20 3.55
CA ASN A 31 6.89 -4.58 4.44
C ASN A 31 6.55 -5.94 5.03
N SER A 32 7.41 -6.46 5.89
CA SER A 32 7.18 -7.77 6.49
C SER A 32 5.85 -7.82 7.24
N LYS A 33 5.45 -6.70 7.82
CA LYS A 33 4.19 -6.64 8.57
C LYS A 33 2.98 -6.34 7.68
N ALA A 34 3.16 -6.34 6.35
CA ALA A 34 2.06 -6.08 5.41
C ALA A 34 1.38 -4.73 5.68
N VAL A 35 2.17 -3.70 5.88
CA VAL A 35 1.65 -2.37 6.13
C VAL A 35 1.91 -1.47 4.93
N CYS A 36 1.03 -0.50 4.68
CA CYS A 36 1.20 0.39 3.55
C CYS A 36 2.32 1.39 3.83
N VAL A 37 3.54 0.97 3.58
CA VAL A 37 4.71 1.82 3.80
C VAL A 37 4.86 2.81 2.65
N CYS A 38 3.82 3.61 2.44
CA CYS A 38 3.81 4.60 1.38
C CYS A 38 4.91 5.62 1.58
N ARG A 39 5.56 6.00 0.49
CA ARG A 39 6.63 6.98 0.53
C ARG A 39 6.05 8.30 1.00
N ASN A 40 5.03 8.77 0.26
CA ASN A 40 4.29 9.99 0.57
C ASN A 40 5.18 11.23 0.67
N ALA A 1 3.20 -6.66 -4.70
CA ALA A 1 1.86 -6.04 -4.61
C ALA A 1 0.92 -6.97 -3.86
N THR A 2 -0.39 -6.67 -3.90
CA THR A 2 -1.40 -7.48 -3.23
C THR A 2 -1.15 -7.53 -1.72
N CYS A 3 -0.41 -6.55 -1.25
CA CYS A 3 -0.04 -6.44 0.17
C CYS A 3 -1.25 -6.42 1.09
N ASP A 4 -1.29 -7.37 2.02
CA ASP A 4 -2.37 -7.49 3.01
C ASP A 4 -3.73 -7.70 2.34
N LEU A 5 -4.23 -8.92 2.38
CA LEU A 5 -5.53 -9.23 1.78
C LEU A 5 -6.67 -9.02 2.77
N ALA A 6 -7.87 -9.40 2.34
CA ALA A 6 -9.06 -9.29 3.16
C ALA A 6 -10.19 -10.11 2.56
N SER A 7 -10.85 -9.52 1.57
CA SER A 7 -11.94 -10.14 0.85
C SER A 7 -12.60 -9.09 -0.04
N ILE A 8 -13.77 -8.60 0.38
CA ILE A 8 -14.47 -7.58 -0.38
C ILE A 8 -13.71 -6.26 -0.35
N PHE A 9 -13.19 -5.92 0.82
CA PHE A 9 -12.42 -4.69 0.97
C PHE A 9 -10.93 -4.99 0.85
N ASN A 10 -10.57 -5.69 -0.22
CA ASN A 10 -9.20 -6.07 -0.50
C ASN A 10 -8.35 -4.83 -0.86
N VAL A 11 -9.02 -3.73 -1.15
CA VAL A 11 -8.36 -2.48 -1.52
C VAL A 11 -7.52 -1.86 -0.39
N ASN A 12 -7.29 -2.61 0.69
CA ASN A 12 -6.48 -2.13 1.82
C ASN A 12 -4.99 -2.18 1.49
N HIS A 13 -4.63 -1.62 0.35
CA HIS A 13 -3.25 -1.55 -0.13
C HIS A 13 -3.21 -0.80 -1.46
N ALA A 14 -4.28 -0.92 -2.24
CA ALA A 14 -4.36 -0.25 -3.52
C ALA A 14 -4.68 1.23 -3.32
N LEU A 15 -5.48 1.52 -2.29
CA LEU A 15 -5.89 2.89 -1.98
C LEU A 15 -4.68 3.75 -1.57
N CYS A 16 -3.90 3.26 -0.61
CA CYS A 16 -2.73 4.00 -0.14
C CYS A 16 -1.79 4.30 -1.30
N ALA A 17 -1.50 3.27 -2.09
CA ALA A 17 -0.62 3.40 -3.24
C ALA A 17 -1.17 4.42 -4.23
N ALA A 18 -2.47 4.37 -4.47
CA ALA A 18 -3.13 5.31 -5.39
C ALA A 18 -2.90 6.74 -4.96
N HIS A 19 -3.03 6.98 -3.66
CA HIS A 19 -2.83 8.32 -3.09
C HIS A 19 -1.43 8.80 -3.42
N CYS A 20 -0.46 7.92 -3.25
CA CYS A 20 0.93 8.24 -3.54
C CYS A 20 1.12 8.50 -5.03
N ILE A 21 0.60 7.61 -5.86
CA ILE A 21 0.68 7.74 -7.31
C ILE A 21 0.19 9.12 -7.76
N ALA A 22 -0.87 9.59 -7.12
CA ALA A 22 -1.44 10.90 -7.44
C ALA A 22 -0.43 12.01 -7.21
N ARG A 23 0.39 11.86 -6.16
CA ARG A 23 1.42 12.84 -5.83
C ARG A 23 2.71 12.56 -6.60
N ARG A 24 2.59 11.87 -7.74
CA ARG A 24 3.73 11.52 -8.59
C ARG A 24 4.67 10.53 -7.88
N TYR A 25 4.11 9.76 -6.98
CA TYR A 25 4.86 8.75 -6.25
C TYR A 25 4.57 7.37 -6.83
N ARG A 26 5.46 6.44 -6.57
CA ARG A 26 5.30 5.08 -7.07
C ARG A 26 4.14 4.41 -6.38
N GLY A 27 4.01 4.64 -5.09
CA GLY A 27 2.94 4.05 -4.33
C GLY A 27 3.40 3.60 -2.97
N GLY A 28 3.03 2.38 -2.62
CA GLY A 28 3.40 1.82 -1.35
C GLY A 28 3.83 0.39 -1.47
N TYR A 29 4.55 -0.08 -0.48
CA TYR A 29 5.05 -1.43 -0.46
C TYR A 29 4.88 -2.03 0.92
N CYS A 30 4.57 -3.31 0.99
CA CYS A 30 4.37 -3.97 2.28
C CYS A 30 5.72 -4.30 2.92
N ASN A 31 5.92 -3.79 4.11
CA ASN A 31 7.15 -4.03 4.85
C ASN A 31 7.11 -5.40 5.52
N SER A 32 7.91 -5.59 6.57
CA SER A 32 7.96 -6.86 7.28
C SER A 32 6.59 -7.15 7.92
N LYS A 33 5.93 -6.12 8.39
CA LYS A 33 4.62 -6.27 9.02
C LYS A 33 3.49 -6.20 7.99
N ALA A 34 3.84 -6.31 6.71
CA ALA A 34 2.89 -6.27 5.61
C ALA A 34 2.06 -4.98 5.61
N VAL A 35 2.63 -3.92 6.17
CA VAL A 35 1.96 -2.64 6.23
C VAL A 35 2.23 -1.85 4.95
N CYS A 36 1.22 -1.16 4.44
CA CYS A 36 1.37 -0.38 3.22
C CYS A 36 2.23 0.85 3.49
N VAL A 37 3.55 0.67 3.39
CA VAL A 37 4.48 1.76 3.63
C VAL A 37 4.54 2.64 2.40
N CYS A 38 3.53 3.49 2.25
CA CYS A 38 3.45 4.39 1.12
C CYS A 38 4.47 5.50 1.29
N ARG A 39 5.21 5.78 0.22
CA ARG A 39 6.22 6.82 0.26
C ARG A 39 5.55 8.15 0.57
N ASN A 40 4.57 8.51 -0.25
CA ASN A 40 3.76 9.71 -0.08
C ASN A 40 4.56 11.01 -0.19
#